data_5FKD
#
_entry.id   5FKD
#
_cell.length_a   61.770
_cell.length_b   61.770
_cell.length_c   153.928
_cell.angle_alpha   90.00
_cell.angle_beta   90.00
_cell.angle_gamma   90.00
#
_symmetry.space_group_name_H-M   'P 43 21 2'
#
loop_
_entity.id
_entity.type
_entity.pdbx_description
1 polymer 'SAM-I RIBOSWITCH'
2 non-polymer S-ADENOSYLMETHIONINE
3 non-polymer 'BARIUM ION'
4 non-polymer 'POTASSIUM ION'
#
_entity_poly.entity_id   1
_entity_poly.type   'polyribonucleotide'
_entity_poly.pdbx_seq_one_letter_code
;GGCUUAUCAAGAGAGGGAGAGCGACUGGCGCGAAGAUCCCCGGCAACCAGAAAUGGUGCCAAUUCCUGCAGCGGAAACGU
UGAAAGAUGAGCCG
;
_entity_poly.pdbx_strand_id   A
#